data_1SHC
#
_entry.id   1SHC
#
_cell.length_a   1.000
_cell.length_b   1.000
_cell.length_c   1.000
_cell.angle_alpha   90.00
_cell.angle_beta   90.00
_cell.angle_gamma   90.00
#
_symmetry.space_group_name_H-M   'P 1'
#
loop_
_entity.id
_entity.type
_entity.pdbx_description
1 polymer SHC
2 polymer 'TRKA RECEPTOR PHOSPHOPEPTIDE'
#
loop_
_entity_poly.entity_id
_entity_poly.type
_entity_poly.pdbx_seq_one_letter_code
_entity_poly.pdbx_strand_id
1 'polypeptide(L)'
;GSHMGQLGGEEWTRHGSFVNKPTRGWLHPNDKVMGPGVSYLVRYMGCVEVLQSMRALDFNTRTQVTREAISLVCEAVPGA
KGATRRRKPCSRPLSSILGRSNLKFAGMPITLTVSTSSLNLMAADCKQIIANHHMQSISFASGGDPDTAEYVAYVAKDPV
NQRACHILECPEGLAQDVISTIGQAFELRFKQYLR
;
A
2 'polypeptide(L)' HIIENPQ(PTR)FSDA B
#
# COMPACT_ATOMS: atom_id res chain seq x y z
N GLY A 1 4.53 -1.19 46.66
CA GLY A 1 5.81 -0.50 46.31
C GLY A 1 5.49 0.76 45.49
N SER A 2 4.70 1.64 46.02
CA SER A 2 4.35 2.88 45.27
C SER A 2 5.12 4.06 45.87
N HIS A 3 5.66 4.92 45.03
CA HIS A 3 6.41 6.09 45.55
C HIS A 3 6.95 6.92 44.39
N MET A 4 7.37 6.27 43.33
CA MET A 4 7.90 7.03 42.16
C MET A 4 6.86 8.05 41.70
N GLY A 5 5.86 7.62 40.97
CA GLY A 5 4.83 8.58 40.50
C GLY A 5 3.44 8.10 40.94
N GLN A 6 3.38 7.43 42.08
CA GLN A 6 2.09 6.91 42.62
C GLN A 6 1.21 6.33 41.50
N LEU A 7 -0.07 6.21 41.72
CA LEU A 7 -0.96 5.64 40.66
C LEU A 7 -0.48 4.24 40.29
N GLY A 8 -1.15 3.61 39.36
CA GLY A 8 -0.74 2.23 38.96
C GLY A 8 -0.28 2.23 37.50
N GLY A 9 -0.71 3.20 36.71
CA GLY A 9 -0.28 3.24 35.29
C GLY A 9 0.91 4.20 35.13
N GLU A 10 1.68 4.39 36.16
CA GLU A 10 2.86 5.30 36.05
C GLU A 10 3.83 5.02 37.19
N GLU A 11 3.90 3.81 37.66
CA GLU A 11 4.83 3.49 38.77
C GLU A 11 5.93 2.55 38.26
N TRP A 12 6.24 2.63 36.98
CA TRP A 12 7.30 1.77 36.36
C TRP A 12 7.30 0.37 36.97
N THR A 13 6.15 -0.23 37.03
CA THR A 13 6.04 -1.60 37.60
C THR A 13 4.71 -2.21 37.13
N ARG A 14 4.53 -2.35 35.85
CA ARG A 14 3.26 -2.93 35.35
C ARG A 14 3.52 -3.74 34.07
N HIS A 15 2.48 -4.16 33.40
CA HIS A 15 2.66 -4.93 32.15
C HIS A 15 3.25 -4.02 31.07
N GLY A 16 3.29 -4.46 29.84
CA GLY A 16 3.84 -3.61 28.75
C GLY A 16 2.95 -2.39 28.53
N SER A 17 2.53 -2.16 27.31
CA SER A 17 1.65 -0.99 27.01
C SER A 17 2.44 0.31 27.18
N PHE A 18 3.58 0.40 26.54
CA PHE A 18 4.46 1.61 26.61
C PHE A 18 4.49 2.23 28.02
N VAL A 19 3.57 3.13 28.32
CA VAL A 19 3.49 3.80 29.65
C VAL A 19 4.46 4.98 29.73
N ASN A 20 5.71 4.79 29.38
CA ASN A 20 6.69 5.91 29.45
C ASN A 20 6.16 7.11 28.65
N LYS A 21 5.34 6.88 27.67
CA LYS A 21 4.80 8.01 26.87
C LYS A 21 3.28 7.88 26.76
N PRO A 22 2.64 8.98 26.46
CA PRO A 22 1.18 9.05 26.32
C PRO A 22 0.76 8.45 24.97
N THR A 23 1.53 8.68 23.94
CA THR A 23 1.16 8.13 22.61
C THR A 23 1.10 6.59 22.68
N ARG A 24 2.12 5.89 22.23
CA ARG A 24 2.09 4.40 22.30
C ARG A 24 3.31 3.83 21.59
N GLY A 25 3.76 4.46 20.54
CA GLY A 25 4.95 3.94 19.81
C GLY A 25 4.50 2.97 18.71
N TRP A 26 4.01 1.82 19.09
CA TRP A 26 3.55 0.84 18.07
C TRP A 26 4.68 0.57 17.06
N LEU A 27 4.36 -0.05 15.96
CA LEU A 27 5.42 -0.32 14.95
C LEU A 27 5.96 1.00 14.39
N HIS A 28 6.91 0.93 13.49
CA HIS A 28 7.50 2.18 12.91
C HIS A 28 6.60 2.83 11.81
N PRO A 29 5.76 2.10 11.11
CA PRO A 29 4.90 2.69 10.08
C PRO A 29 3.95 3.72 10.72
N ASN A 30 3.40 3.39 11.85
CA ASN A 30 2.47 4.33 12.54
C ASN A 30 3.24 5.40 13.31
N ASP A 31 4.25 5.02 14.06
CA ASP A 31 5.01 6.04 14.83
C ASP A 31 5.52 7.13 13.89
N LYS A 32 5.89 6.76 12.69
CA LYS A 32 6.41 7.78 11.72
C LYS A 32 5.24 8.45 10.99
N VAL A 33 4.17 7.74 10.75
CA VAL A 33 3.02 8.38 10.05
C VAL A 33 2.62 9.63 10.83
N MET A 34 2.62 9.53 12.13
CA MET A 34 2.28 10.70 12.96
C MET A 34 3.51 11.60 13.05
N GLY A 35 4.68 11.02 13.01
CA GLY A 35 5.93 11.84 13.07
C GLY A 35 6.14 12.54 11.73
N PRO A 36 7.36 12.55 11.24
CA PRO A 36 7.70 13.19 9.96
C PRO A 36 7.16 12.36 8.79
N GLY A 37 7.01 11.08 8.96
CA GLY A 37 6.49 10.22 7.85
C GLY A 37 7.49 9.11 7.55
N VAL A 38 7.05 7.88 7.56
CA VAL A 38 7.97 6.74 7.27
C VAL A 38 8.60 6.93 5.90
N SER A 39 9.53 6.08 5.53
CA SER A 39 10.19 6.19 4.19
C SER A 39 10.97 4.92 3.89
N TYR A 40 10.38 3.98 3.21
CA TYR A 40 11.10 2.72 2.89
C TYR A 40 11.65 2.81 1.47
N LEU A 41 12.07 1.71 0.89
CA LEU A 41 12.62 1.76 -0.48
C LEU A 41 12.01 0.63 -1.32
N VAL A 42 11.03 0.95 -2.12
CA VAL A 42 10.39 -0.09 -2.97
C VAL A 42 10.57 0.30 -4.44
N ARG A 43 11.05 -0.59 -5.27
CA ARG A 43 11.24 -0.24 -6.70
C ARG A 43 9.91 -0.40 -7.46
N TYR A 44 9.57 0.57 -8.25
CA TYR A 44 8.32 0.51 -9.04
C TYR A 44 8.49 -0.43 -10.23
N MET A 45 7.42 -1.01 -10.71
CA MET A 45 7.53 -1.93 -11.87
C MET A 45 6.47 -1.57 -12.92
N GLY A 46 6.57 -0.40 -13.48
CA GLY A 46 5.57 0.01 -14.51
C GLY A 46 4.19 0.15 -13.87
N CYS A 47 3.18 0.44 -14.66
CA CYS A 47 1.81 0.59 -14.10
C CYS A 47 0.79 -0.05 -15.04
N VAL A 48 -0.13 -0.82 -14.51
CA VAL A 48 -1.15 -1.47 -15.39
C VAL A 48 -2.46 -0.70 -15.26
N GLU A 49 -3.12 -0.44 -16.36
CA GLU A 49 -4.41 0.30 -16.28
C GLU A 49 -5.57 -0.67 -16.38
N VAL A 50 -6.69 -0.32 -15.82
CA VAL A 50 -7.86 -1.23 -15.89
C VAL A 50 -9.03 -0.57 -16.60
N LEU A 51 -10.05 -1.33 -16.84
CA LEU A 51 -11.25 -0.77 -17.52
C LEU A 51 -12.50 -1.38 -16.88
N GLN A 52 -12.42 -1.73 -15.63
CA GLN A 52 -13.60 -2.32 -14.95
C GLN A 52 -14.26 -1.28 -14.04
N SER A 53 -15.36 -1.62 -13.43
CA SER A 53 -16.04 -0.64 -12.53
C SER A 53 -15.12 -0.30 -11.35
N MET A 54 -15.62 0.43 -10.39
CA MET A 54 -14.78 0.78 -9.22
C MET A 54 -15.54 0.51 -7.93
N ARG A 55 -14.94 0.74 -6.80
CA ARG A 55 -15.64 0.49 -5.51
C ARG A 55 -16.15 -0.95 -5.49
N ALA A 56 -15.26 -1.90 -5.62
CA ALA A 56 -15.68 -3.33 -5.61
C ALA A 56 -14.61 -4.15 -4.89
N LEU A 57 -14.98 -5.25 -4.31
CA LEU A 57 -13.99 -6.08 -3.60
C LEU A 57 -13.89 -7.45 -4.27
N ASP A 58 -14.88 -8.29 -4.10
CA ASP A 58 -14.85 -9.65 -4.74
C ASP A 58 -13.62 -10.42 -4.26
N PHE A 59 -13.82 -11.42 -3.45
CA PHE A 59 -12.68 -12.23 -2.94
C PHE A 59 -12.12 -13.12 -4.04
N ASN A 60 -12.93 -13.49 -5.00
CA ASN A 60 -12.44 -14.36 -6.09
C ASN A 60 -12.14 -13.52 -7.34
N THR A 61 -12.97 -12.56 -7.62
CA THR A 61 -12.74 -11.70 -8.82
C THR A 61 -11.51 -10.82 -8.60
N ARG A 62 -11.22 -10.47 -7.38
CA ARG A 62 -10.03 -9.60 -7.13
C ARG A 62 -8.74 -10.42 -7.26
N THR A 63 -8.78 -11.68 -6.93
CA THR A 63 -7.55 -12.52 -7.04
C THR A 63 -7.35 -12.97 -8.49
N GLN A 64 -8.42 -13.08 -9.24
CA GLN A 64 -8.27 -13.53 -10.66
C GLN A 64 -7.77 -12.38 -11.53
N VAL A 65 -8.35 -11.21 -11.40
CA VAL A 65 -7.90 -10.06 -12.23
C VAL A 65 -6.59 -9.50 -11.69
N THR A 66 -6.44 -9.44 -10.39
CA THR A 66 -5.18 -8.89 -9.82
C THR A 66 -4.02 -9.85 -10.10
N ARG A 67 -4.23 -11.13 -9.94
CA ARG A 67 -3.13 -12.09 -10.20
C ARG A 67 -2.91 -12.23 -11.71
N GLU A 68 -3.93 -12.01 -12.48
CA GLU A 68 -3.78 -12.12 -13.96
C GLU A 68 -2.82 -11.03 -14.46
N ALA A 69 -3.16 -9.79 -14.27
CA ALA A 69 -2.25 -8.70 -14.73
C ALA A 69 -0.90 -8.84 -14.03
N ILE A 70 -0.90 -8.92 -12.73
CA ILE A 70 0.37 -9.07 -11.98
C ILE A 70 1.18 -10.25 -12.53
N SER A 71 0.51 -11.20 -13.13
CA SER A 71 1.25 -12.37 -13.69
C SER A 71 1.94 -11.95 -14.98
N LEU A 72 1.27 -11.20 -15.80
CA LEU A 72 1.90 -10.74 -17.08
C LEU A 72 3.06 -9.79 -16.79
N VAL A 73 3.05 -9.13 -15.66
CA VAL A 73 4.16 -8.19 -15.35
C VAL A 73 5.36 -8.98 -14.83
N CYS A 74 5.19 -9.70 -13.75
CA CYS A 74 6.32 -10.49 -13.20
C CYS A 74 6.81 -11.51 -14.23
N GLU A 75 6.00 -11.84 -15.21
CA GLU A 75 6.44 -12.84 -16.23
C GLU A 75 6.91 -12.13 -17.50
N ALA A 76 6.00 -11.51 -18.21
CA ALA A 76 6.39 -10.81 -19.48
C ALA A 76 7.57 -9.88 -19.22
N VAL A 77 7.52 -9.11 -18.17
CA VAL A 77 8.66 -8.18 -17.87
C VAL A 77 9.36 -8.62 -16.57
N PRO A 78 10.40 -9.41 -16.69
CA PRO A 78 11.16 -9.90 -15.53
C PRO A 78 11.44 -8.76 -14.55
N GLY A 79 11.65 -9.09 -13.30
CA GLY A 79 11.91 -8.03 -12.28
C GLY A 79 11.45 -8.52 -10.91
N ALA A 80 10.46 -9.38 -10.87
CA ALA A 80 9.97 -9.89 -9.56
C ALA A 80 10.98 -10.87 -8.97
N LYS A 81 10.58 -11.63 -7.99
CA LYS A 81 11.52 -12.61 -7.37
C LYS A 81 10.81 -13.93 -7.13
N GLY A 82 10.74 -14.78 -8.13
CA GLY A 82 10.05 -16.08 -7.96
C GLY A 82 8.83 -16.14 -8.87
N ALA A 83 8.97 -15.71 -10.10
CA ALA A 83 7.81 -15.74 -11.04
C ALA A 83 8.23 -15.13 -12.38
N THR A 84 9.43 -15.41 -12.82
CA THR A 84 9.89 -14.84 -14.12
C THR A 84 9.42 -15.73 -15.27
N ARG A 85 9.56 -17.02 -15.13
CA ARG A 85 9.11 -17.94 -16.22
C ARG A 85 9.15 -19.38 -15.70
N ARG A 86 8.05 -20.08 -15.79
CA ARG A 86 8.02 -21.48 -15.31
C ARG A 86 6.73 -22.16 -15.79
N ARG A 87 6.30 -21.85 -16.98
CA ARG A 87 5.06 -22.48 -17.51
C ARG A 87 3.91 -22.21 -16.53
N LYS A 88 3.25 -21.10 -16.67
CA LYS A 88 2.12 -20.79 -15.74
C LYS A 88 0.91 -20.31 -16.55
N PRO A 89 0.41 -21.18 -17.38
CA PRO A 89 -0.76 -20.91 -18.24
C PRO A 89 -2.03 -20.82 -17.38
N CYS A 90 -2.64 -21.93 -17.08
CA CYS A 90 -3.88 -21.89 -16.25
C CYS A 90 -4.98 -21.13 -17.00
N SER A 91 -6.22 -21.37 -16.66
CA SER A 91 -7.33 -20.66 -17.34
C SER A 91 -7.25 -19.17 -17.02
N ARG A 92 -8.35 -18.45 -17.13
CA ARG A 92 -8.30 -17.00 -16.82
C ARG A 92 -9.74 -16.47 -16.59
N PRO A 93 -10.33 -16.93 -15.52
CA PRO A 93 -11.68 -16.53 -15.13
C PRO A 93 -11.83 -15.01 -15.18
N LEU A 94 -12.30 -14.48 -16.28
CA LEU A 94 -12.46 -13.01 -16.39
C LEU A 94 -13.19 -12.68 -17.70
N SER A 95 -14.27 -11.95 -17.61
CA SER A 95 -15.03 -11.59 -18.86
C SER A 95 -14.76 -10.13 -19.22
N SER A 96 -15.15 -9.22 -18.36
CA SER A 96 -14.92 -7.78 -18.66
C SER A 96 -14.36 -7.08 -17.42
N ILE A 97 -13.14 -7.38 -17.05
CA ILE A 97 -12.54 -6.73 -15.86
C ILE A 97 -11.01 -6.71 -15.99
N LEU A 98 -10.49 -5.74 -16.68
CA LEU A 98 -9.01 -5.65 -16.86
C LEU A 98 -8.67 -4.53 -17.84
N GLY A 99 -7.46 -4.45 -18.28
CA GLY A 99 -7.07 -3.38 -19.23
C GLY A 99 -5.78 -3.79 -19.97
N ARG A 100 -4.65 -3.58 -19.35
CA ARG A 100 -3.37 -3.95 -20.01
C ARG A 100 -2.20 -3.52 -19.12
N SER A 101 -1.18 -4.32 -19.04
CA SER A 101 -0.01 -3.94 -18.18
C SER A 101 0.91 -3.01 -18.96
N ASN A 102 1.24 -1.88 -18.41
CA ASN A 102 2.13 -0.92 -19.10
C ASN A 102 3.55 -1.06 -18.56
N LEU A 103 4.42 -1.70 -19.29
CA LEU A 103 5.82 -1.86 -18.81
C LEU A 103 6.69 -0.77 -19.41
N LYS A 104 6.31 0.47 -19.26
CA LYS A 104 7.13 1.57 -19.82
C LYS A 104 8.32 1.85 -18.90
N PHE A 105 8.19 1.57 -17.63
CA PHE A 105 9.32 1.82 -16.70
C PHE A 105 9.43 0.65 -15.71
N ALA A 106 9.99 -0.45 -16.14
CA ALA A 106 10.12 -1.62 -15.23
C ALA A 106 11.41 -1.48 -14.41
N GLY A 107 11.29 -1.21 -13.13
CA GLY A 107 12.51 -1.07 -12.29
C GLY A 107 12.80 0.41 -12.05
N MET A 108 12.16 1.00 -11.06
CA MET A 108 12.40 2.44 -10.79
C MET A 108 12.38 2.68 -9.27
N PRO A 109 13.50 2.38 -8.63
CA PRO A 109 13.68 2.54 -7.19
C PRO A 109 13.04 3.84 -6.71
N ILE A 110 12.13 3.76 -5.78
CA ILE A 110 11.46 4.98 -5.26
C ILE A 110 11.27 4.85 -3.74
N THR A 111 11.51 5.90 -3.01
CA THR A 111 11.34 5.82 -1.53
C THR A 111 9.85 5.94 -1.19
N LEU A 112 9.30 4.95 -0.55
CA LEU A 112 7.84 5.01 -0.20
C LEU A 112 7.65 5.76 1.11
N THR A 113 7.51 7.06 1.06
CA THR A 113 7.32 7.84 2.31
C THR A 113 5.84 7.97 2.63
N VAL A 114 5.45 7.61 3.82
CA VAL A 114 4.02 7.71 4.21
C VAL A 114 3.88 8.69 5.38
N SER A 115 3.19 9.78 5.17
CA SER A 115 3.01 10.77 6.26
C SER A 115 1.52 10.85 6.61
N THR A 116 1.16 11.63 7.58
CA THR A 116 -0.27 11.74 7.95
C THR A 116 -1.03 12.37 6.77
N SER A 117 -1.59 11.55 5.94
CA SER A 117 -2.35 12.04 4.75
C SER A 117 -1.36 12.57 3.71
N SER A 118 -0.24 11.93 3.57
CA SER A 118 0.76 12.40 2.57
C SER A 118 1.61 11.23 2.09
N LEU A 119 1.04 10.33 1.32
CA LEU A 119 1.84 9.18 0.82
C LEU A 119 2.69 9.67 -0.36
N ASN A 120 3.85 10.20 -0.07
CA ASN A 120 4.72 10.71 -1.16
C ASN A 120 5.77 9.66 -1.49
N LEU A 121 5.91 9.30 -2.73
CA LEU A 121 6.93 8.28 -3.07
C LEU A 121 8.12 8.96 -3.75
N MET A 122 9.14 9.28 -3.00
CA MET A 122 10.31 9.96 -3.61
C MET A 122 10.83 9.13 -4.79
N ALA A 123 11.51 9.76 -5.71
CA ALA A 123 12.03 9.02 -6.89
C ALA A 123 13.55 8.89 -6.79
N ALA A 124 14.03 7.70 -6.52
CA ALA A 124 15.49 7.47 -6.39
C ALA A 124 16.08 7.03 -7.73
N ASP A 125 15.45 7.37 -8.82
CA ASP A 125 15.98 6.95 -10.15
C ASP A 125 16.63 8.15 -10.85
N CYS A 126 15.83 9.10 -11.26
CA CYS A 126 16.40 10.30 -11.95
C CYS A 126 16.34 11.51 -11.02
N LYS A 127 16.50 11.29 -9.75
CA LYS A 127 16.45 12.43 -8.79
C LYS A 127 15.13 13.19 -8.97
N GLN A 128 14.05 12.60 -8.58
CA GLN A 128 12.72 13.28 -8.74
C GLN A 128 11.86 12.97 -7.52
N ILE A 129 10.56 13.10 -7.64
CA ILE A 129 9.66 12.79 -6.48
C ILE A 129 8.28 12.42 -7.01
N ILE A 130 7.95 11.16 -7.00
CA ILE A 130 6.60 10.72 -7.49
C ILE A 130 5.54 11.27 -6.55
N ALA A 131 5.02 12.42 -6.88
CA ALA A 131 3.96 13.05 -6.04
C ALA A 131 4.48 13.36 -4.63
N ASN A 132 4.42 14.60 -4.25
CA ASN A 132 4.89 14.99 -2.88
C ASN A 132 3.73 14.89 -1.88
N HIS A 133 2.55 14.54 -2.34
CA HIS A 133 1.39 14.42 -1.40
C HIS A 133 0.34 13.50 -2.02
N HIS A 134 0.72 12.31 -2.41
CA HIS A 134 -0.26 11.37 -3.01
C HIS A 134 -1.22 10.85 -1.93
N MET A 135 -2.30 11.54 -1.70
CA MET A 135 -3.27 11.09 -0.65
C MET A 135 -4.57 11.89 -0.78
N GLN A 136 -5.29 11.69 -1.85
CA GLN A 136 -6.57 12.44 -2.04
C GLN A 136 -7.47 11.69 -3.03
N SER A 137 -6.91 11.16 -4.09
CA SER A 137 -7.75 10.43 -5.07
C SER A 137 -7.54 8.92 -4.89
N ILE A 138 -6.56 8.37 -5.57
CA ILE A 138 -6.30 6.90 -5.44
C ILE A 138 -7.60 6.12 -5.66
N SER A 139 -7.73 4.94 -5.11
CA SER A 139 -8.99 4.17 -5.32
C SER A 139 -8.94 2.87 -4.52
N PHE A 140 -7.90 2.10 -4.70
CA PHE A 140 -7.80 0.82 -3.95
C PHE A 140 -6.34 0.59 -3.54
N ALA A 141 -6.10 0.11 -2.36
CA ALA A 141 -4.69 -0.12 -1.92
C ALA A 141 -4.62 -1.39 -1.08
N SER A 142 -3.57 -2.15 -1.22
CA SER A 142 -3.42 -3.40 -0.42
C SER A 142 -2.07 -4.05 -0.74
N GLY A 143 -1.84 -5.23 -0.23
CA GLY A 143 -0.55 -5.93 -0.51
C GLY A 143 -0.14 -6.73 0.72
N GLY A 144 -0.89 -7.75 1.06
CA GLY A 144 -0.54 -8.57 2.25
C GLY A 144 -0.49 -10.05 1.86
N ASP A 145 -1.37 -10.85 2.40
CA ASP A 145 -1.38 -12.30 2.06
C ASP A 145 -1.85 -12.50 0.61
N PRO A 146 -3.04 -12.03 0.29
CA PRO A 146 -3.60 -12.17 -1.07
C PRO A 146 -2.90 -11.20 -2.02
N ASP A 147 -3.45 -11.03 -3.20
CA ASP A 147 -2.85 -10.10 -4.21
C ASP A 147 -1.51 -10.67 -4.71
N THR A 148 -0.45 -10.42 -4.00
CA THR A 148 0.87 -10.96 -4.44
C THR A 148 1.46 -11.84 -3.33
N ALA A 149 1.00 -11.69 -2.12
CA ALA A 149 1.54 -12.52 -1.01
C ALA A 149 3.03 -12.25 -0.84
N GLU A 150 3.47 -11.07 -1.17
CA GLU A 150 4.93 -10.76 -1.03
C GLU A 150 5.18 -9.32 -1.48
N TYR A 151 4.67 -8.93 -2.62
CA TYR A 151 4.89 -7.54 -3.09
C TYR A 151 3.73 -6.65 -2.63
N VAL A 152 3.70 -5.42 -3.07
CA VAL A 152 2.60 -4.50 -2.65
C VAL A 152 1.91 -3.96 -3.91
N ALA A 153 0.60 -3.87 -3.89
CA ALA A 153 -0.11 -3.35 -5.09
C ALA A 153 -1.18 -2.35 -4.66
N TYR A 154 -1.21 -1.20 -5.28
CA TYR A 154 -2.24 -0.19 -4.90
C TYR A 154 -2.68 0.59 -6.15
N VAL A 155 -3.91 0.44 -6.55
CA VAL A 155 -4.38 1.16 -7.75
C VAL A 155 -4.61 2.62 -7.37
N ALA A 156 -3.96 3.53 -8.06
CA ALA A 156 -4.13 4.96 -7.73
C ALA A 156 -5.00 5.66 -8.78
N LYS A 157 -5.12 6.95 -8.68
CA LYS A 157 -5.96 7.71 -9.65
C LYS A 157 -5.80 9.20 -9.38
N ASP A 158 -5.81 10.01 -10.41
CA ASP A 158 -5.66 11.49 -10.20
C ASP A 158 -5.57 12.23 -11.54
N PRO A 159 -4.59 11.88 -12.35
CA PRO A 159 -4.40 12.51 -13.66
C PRO A 159 -5.50 12.08 -14.63
N VAL A 160 -6.02 10.90 -14.47
CA VAL A 160 -7.10 10.44 -15.40
C VAL A 160 -8.17 9.70 -14.61
N ASN A 161 -9.24 9.33 -15.25
CA ASN A 161 -10.32 8.61 -14.52
C ASN A 161 -10.16 7.10 -14.76
N GLN A 162 -8.95 6.63 -14.82
CA GLN A 162 -8.73 5.17 -15.04
C GLN A 162 -7.87 4.60 -13.91
N ARG A 163 -8.44 3.75 -13.10
CA ARG A 163 -7.66 3.16 -11.97
C ARG A 163 -6.39 2.50 -12.54
N ALA A 164 -5.25 2.82 -11.98
CA ALA A 164 -3.98 2.22 -12.48
C ALA A 164 -3.35 1.37 -11.38
N CYS A 165 -3.47 0.06 -11.48
CA CYS A 165 -2.88 -0.82 -10.44
C CYS A 165 -1.35 -0.64 -10.41
N HIS A 166 -0.83 -0.13 -9.33
CA HIS A 166 0.64 0.08 -9.23
C HIS A 166 1.29 -1.17 -8.65
N ILE A 167 2.24 -1.74 -9.35
CA ILE A 167 2.92 -2.97 -8.82
C ILE A 167 4.34 -2.62 -8.40
N LEU A 168 4.65 -2.81 -7.15
CA LEU A 168 6.04 -2.49 -6.68
C LEU A 168 6.58 -3.66 -5.86
N GLU A 169 7.87 -3.85 -5.88
CA GLU A 169 8.47 -4.98 -5.11
C GLU A 169 9.76 -4.51 -4.43
N CYS A 170 10.42 -5.38 -3.72
CA CYS A 170 11.69 -5.01 -3.03
C CYS A 170 11.51 -3.72 -2.22
N PRO A 171 10.56 -3.74 -1.31
CA PRO A 171 10.26 -2.58 -0.44
C PRO A 171 11.29 -2.49 0.69
N GLU A 172 11.81 -3.63 1.12
CA GLU A 172 12.82 -3.66 2.22
C GLU A 172 12.13 -3.48 3.59
N GLY A 173 11.71 -4.56 4.20
CA GLY A 173 11.04 -4.47 5.53
C GLY A 173 9.72 -3.70 5.39
N LEU A 174 8.73 -4.32 4.81
CA LEU A 174 7.42 -3.64 4.64
C LEU A 174 6.27 -4.64 4.73
N ALA A 175 5.82 -5.19 3.61
CA ALA A 175 4.71 -6.19 3.59
C ALA A 175 3.60 -5.88 4.63
N GLN A 176 3.70 -6.40 5.82
CA GLN A 176 2.64 -6.13 6.84
C GLN A 176 2.81 -4.72 7.42
N ASP A 177 4.00 -4.37 7.83
CA ASP A 177 4.20 -3.00 8.41
C ASP A 177 3.81 -1.95 7.36
N VAL A 178 4.21 -2.13 6.13
CA VAL A 178 3.85 -1.11 5.09
C VAL A 178 2.34 -1.05 4.94
N ILE A 179 1.68 -2.18 4.96
CA ILE A 179 0.19 -2.16 4.82
C ILE A 179 -0.39 -1.30 5.95
N SER A 180 0.19 -1.38 7.11
CA SER A 180 -0.31 -0.59 8.26
C SER A 180 -0.06 0.90 8.02
N THR A 181 0.98 1.24 7.30
CA THR A 181 1.26 2.69 7.04
C THR A 181 0.25 3.26 6.06
N ILE A 182 0.18 2.70 4.87
CA ILE A 182 -0.78 3.21 3.86
C ILE A 182 -2.18 3.29 4.47
N GLY A 183 -2.55 2.35 5.30
CA GLY A 183 -3.90 2.41 5.93
C GLY A 183 -3.95 3.60 6.88
N GLN A 184 -2.88 3.83 7.60
CA GLN A 184 -2.86 4.96 8.55
C GLN A 184 -3.09 6.26 7.78
N ALA A 185 -2.13 6.69 7.00
CA ALA A 185 -2.31 7.96 6.22
C ALA A 185 -3.63 7.91 5.42
N PHE A 186 -4.11 6.73 5.12
CA PHE A 186 -5.38 6.61 4.34
C PHE A 186 -6.54 7.26 5.12
N GLU A 187 -6.66 6.94 6.38
CA GLU A 187 -7.78 7.53 7.18
C GLU A 187 -7.35 8.83 7.88
N LEU A 188 -6.47 9.59 7.27
CA LEU A 188 -6.03 10.87 7.91
C LEU A 188 -7.00 12.00 7.54
N ARG A 189 -7.05 12.37 6.29
CA ARG A 189 -7.96 13.47 5.88
C ARG A 189 -8.89 12.99 4.75
N PHE A 190 -8.47 13.09 3.52
CA PHE A 190 -9.35 12.64 2.40
C PHE A 190 -10.72 13.33 2.52
N LYS A 191 -10.74 14.53 3.03
CA LYS A 191 -12.03 15.27 3.18
C LYS A 191 -13.07 14.36 3.85
N GLN A 192 -12.78 13.91 5.05
CA GLN A 192 -13.73 13.02 5.77
C GLN A 192 -15.10 13.69 5.88
N TYR A 193 -15.95 13.45 4.93
CA TYR A 193 -17.30 14.07 4.96
C TYR A 193 -18.18 13.33 5.97
N LEU A 194 -17.93 12.06 6.17
CA LEU A 194 -18.75 11.27 7.13
C LEU A 194 -20.22 11.29 6.71
N ARG A 195 -20.70 10.22 6.14
CA ARG A 195 -22.12 10.18 5.70
C ARG A 195 -23.03 10.25 6.92
N HIS B 1 -6.14 -6.83 5.08
CA HIS B 1 -4.96 -6.02 4.65
C HIS B 1 -5.29 -5.24 3.37
N ILE B 2 -6.53 -4.90 3.18
CA ILE B 2 -6.92 -4.15 1.96
C ILE B 2 -7.08 -2.66 2.31
N ILE B 3 -6.03 -1.91 2.22
CA ILE B 3 -6.12 -0.45 2.54
C ILE B 3 -7.18 0.20 1.67
N GLU B 4 -8.20 0.77 2.28
CA GLU B 4 -9.27 1.42 1.49
C GLU B 4 -9.65 2.73 2.16
N ASN B 5 -10.06 3.71 1.40
CA ASN B 5 -10.44 5.02 2.01
C ASN B 5 -11.98 5.13 2.10
N PRO B 6 -12.43 5.97 3.00
CA PRO B 6 -13.86 6.21 3.23
C PRO B 6 -14.47 7.07 2.11
N GLN B 7 -13.65 7.62 1.24
CA GLN B 7 -14.21 8.47 0.15
C GLN B 7 -14.47 7.61 -1.09
N PTR B 8 -13.52 6.79 -1.45
CA PTR B 8 -13.71 5.92 -2.65
C PTR B 8 -14.48 4.66 -2.23
O PTR B 8 -15.51 4.35 -2.80
CB PTR B 8 -12.34 5.53 -3.20
CG PTR B 8 -12.36 5.62 -4.71
CD1 PTR B 8 -11.53 6.53 -5.37
CD2 PTR B 8 -13.20 4.78 -5.45
CE1 PTR B 8 -11.55 6.61 -6.77
CE2 PTR B 8 -13.22 4.86 -6.84
CZ PTR B 8 -12.39 5.77 -7.50
OH PTR B 8 -12.41 5.85 -8.90
P PTR B 8 -13.65 6.52 -9.58
O1P PTR B 8 -14.76 5.44 -9.50
O2P PTR B 8 -13.23 6.69 -11.06
O3P PTR B 8 -13.88 7.86 -8.75
H PTR B 8 -12.69 6.74 -0.94
HA PTR B 8 -14.27 6.46 -3.39
HB2 PTR B 8 -12.11 4.52 -2.90
HB3 PTR B 8 -11.59 6.21 -2.82
HD1 PTR B 8 -10.88 7.18 -4.80
HD2 PTR B 8 -13.84 4.07 -4.94
HE1 PTR B 8 -10.90 7.31 -7.28
HE2 PTR B 8 -13.88 4.21 -7.41
HO3P PTR B 8 -14.77 8.19 -8.87
N PHE B 9 -14.00 3.95 -1.26
CA PHE B 9 -14.71 2.71 -0.82
C PHE B 9 -15.50 3.01 0.45
N SER B 10 -16.81 2.94 0.38
CA SER B 10 -17.63 3.22 1.59
C SER B 10 -18.16 1.90 2.16
N ASP B 11 -17.92 1.65 3.42
CA ASP B 11 -18.41 0.38 4.03
C ASP B 11 -19.03 0.67 5.40
N ALA B 12 -20.24 1.16 5.41
CA ALA B 12 -20.90 1.47 6.72
C ALA B 12 -22.38 1.80 6.48
#